data_8S93
#
_entry.id   8S93
#
_cell.length_a   38.376
_cell.length_b   77.383
_cell.length_c   82.323
_cell.angle_alpha   90.000
_cell.angle_beta   97.980
_cell.angle_gamma   90.000
#
_symmetry.space_group_name_H-M   'P 1 21 1'
#
loop_
_entity.id
_entity.type
_entity.pdbx_description
1 polymer 'Tyrosine-protein kinase BTK'
2 non-polymer "2-[3'-(hydroxymethyl)-1-methyl-5-({5-[(2S)-2-methyl-4-(oxetan-3-yl)piperazin-1-yl]pyridin-2-yl}amino)-6-oxo[1,6-dihydro[3,4'-bipyridine]]-2'-yl]-7,7-dimethyl-3,4,7,8-tetrahydro-2H-cyclopenta[4,5]pyrrolo[1,2-a]pyrazin-1(6H)-one"
3 non-polymer 'ZINC ION'
4 non-polymer GLYCEROL
5 water water
#
_entity_poly.entity_id   1
_entity_poly.type   'polypeptide(L)'
_entity_poly.pdbx_seq_one_letter_code
;MAAVILESIFLKRSQQKKKTSPLNFKKRLFLLTVHKLSYYEYDFERGRRGSKKGSIDVEKITCVETVIPEKNPPPERQIP
RRGEESSEMEAASAAERFPYPFQVVYDEGPLYVFSPTEELRKRWIHQLKNVIRYNSDLVQKYHPCFWIDGQYLCCSQTAK
NAMGCQILENRGGGSGGGGSGGGGSGGGGSGGGEIDPKDLTFLKELGTGQFGVVKYGKWRGQYDVAIRMIREGSMSEDEF
IEEAKVMMNLSHEKLVQLYGVCTKQRPIFIITEYMANGCLLNYLREMRHRFQTQQLLEMCKDVCEAMEYLESKQFLHRDL
AARNCLVNDQGVVKVSDFGMTRYVLDDEYTSSTGSKFPVKWASPEVLMYSKFSSKSDIWAFGVLMWEIYSLGKMPYERFT
NSETAEHIAQGLRLPRPHLASERVYTIMYSCWHEKADERPSFKILLSNILDVMDEES
;
_entity_poly.pdbx_strand_id   A
#
# COMPACT_ATOMS: atom_id res chain seq x y z
N MET A 1 5.59 -27.25 -11.34
CA MET A 1 4.34 -27.27 -12.15
C MET A 1 3.50 -26.03 -11.89
N ALA A 2 3.97 -24.88 -12.39
CA ALA A 2 3.25 -23.63 -12.21
C ALA A 2 2.05 -23.57 -13.16
N ALA A 3 0.94 -23.05 -12.65
CA ALA A 3 -0.28 -22.98 -13.45
C ALA A 3 -0.16 -21.88 -14.51
N VAL A 4 -0.64 -22.19 -15.71
CA VAL A 4 -0.68 -21.23 -16.81
C VAL A 4 -1.95 -20.41 -16.68
N ILE A 5 -1.81 -19.11 -16.47
CA ILE A 5 -2.97 -18.26 -16.23
C ILE A 5 -3.65 -17.88 -17.54
N LEU A 6 -2.87 -17.68 -18.60
CA LEU A 6 -3.43 -17.29 -19.89
C LEU A 6 -2.59 -17.88 -21.01
N GLU A 7 -3.20 -17.95 -22.19
CA GLU A 7 -2.55 -18.49 -23.38
C GLU A 7 -3.15 -17.79 -24.59
N SER A 8 -2.35 -16.98 -25.28
CA SER A 8 -2.84 -16.24 -26.43
C SER A 8 -1.70 -15.97 -27.40
N ILE A 9 -2.06 -15.75 -28.66
CA ILE A 9 -1.12 -15.41 -29.72
C ILE A 9 -1.17 -13.90 -29.92
N PHE A 10 -0.02 -13.24 -29.76
CA PHE A 10 0.08 -11.80 -29.88
C PHE A 10 1.10 -11.43 -30.95
N LEU A 11 1.16 -10.14 -31.26
CA LEU A 11 2.15 -9.59 -32.19
C LEU A 11 3.15 -8.79 -31.36
N LYS A 12 4.32 -9.38 -31.13
CA LYS A 12 5.35 -8.77 -30.30
C LYS A 12 6.25 -7.89 -31.15
N ARG A 13 6.49 -6.66 -30.68
CA ARG A 13 7.36 -5.73 -31.36
C ARG A 13 8.78 -5.87 -30.81
N SER A 14 9.75 -5.90 -31.73
CA SER A 14 11.15 -5.99 -31.31
C SER A 14 11.54 -4.77 -30.49
N GLN A 15 12.48 -4.98 -29.57
CA GLN A 15 12.98 -3.93 -28.69
C GLN A 15 14.34 -3.48 -29.21
N GLN A 16 14.41 -2.24 -29.69
CA GLN A 16 15.63 -1.69 -30.25
C GLN A 16 16.84 -1.97 -29.36
N LYS A 19 19.28 2.30 -31.44
CA LYS A 19 18.55 3.51 -31.77
C LYS A 19 18.15 3.52 -33.24
N THR A 20 19.14 3.35 -34.11
CA THR A 20 18.91 3.33 -35.55
C THR A 20 18.53 1.96 -36.09
N SER A 21 18.16 1.03 -35.21
CA SER A 21 17.79 -0.30 -35.66
C SER A 21 16.36 -0.30 -36.19
N PRO A 22 16.03 -1.24 -37.10
CA PRO A 22 14.67 -1.27 -37.65
C PRO A 22 13.72 -2.03 -36.73
N LEU A 23 12.49 -1.54 -36.67
CA LEU A 23 11.46 -2.17 -35.86
C LEU A 23 10.85 -3.35 -36.60
N ASN A 24 10.78 -4.49 -35.93
CA ASN A 24 10.24 -5.72 -36.51
C ASN A 24 9.14 -6.27 -35.62
N PHE A 25 8.05 -6.69 -36.24
CA PHE A 25 6.91 -7.26 -35.54
C PHE A 25 6.78 -8.73 -35.90
N LYS A 26 6.62 -9.58 -34.89
CA LYS A 26 6.52 -11.02 -35.09
C LYS A 26 5.42 -11.59 -34.19
N LYS A 27 4.78 -12.64 -34.68
CA LYS A 27 3.75 -13.32 -33.90
C LYS A 27 4.40 -14.26 -32.89
N ARG A 28 3.89 -14.23 -31.66
CA ARG A 28 4.43 -15.04 -30.58
C ARG A 28 3.30 -15.52 -29.68
N LEU A 29 3.52 -16.66 -29.03
CA LEU A 29 2.58 -17.21 -28.06
C LEU A 29 3.07 -16.86 -26.66
N PHE A 30 2.27 -16.09 -25.93
CA PHE A 30 2.65 -15.59 -24.61
C PHE A 30 2.06 -16.48 -23.53
N LEU A 31 2.89 -16.81 -22.54
CA LEU A 31 2.48 -17.58 -21.38
C LEU A 31 2.60 -16.69 -20.13
N LEU A 32 1.55 -16.68 -19.32
CA LEU A 32 1.52 -15.89 -18.10
C LEU A 32 1.36 -16.83 -16.91
N THR A 33 2.32 -16.81 -15.99
CA THR A 33 2.26 -17.55 -14.75
C THR A 33 2.58 -16.59 -13.60
N VAL A 34 2.38 -17.08 -12.38
CA VAL A 34 2.70 -16.29 -11.19
C VAL A 34 4.19 -16.01 -11.07
N HIS A 35 5.02 -16.68 -11.87
CA HIS A 35 6.47 -16.52 -11.80
C HIS A 35 7.02 -15.65 -12.93
N LYS A 36 6.64 -15.92 -14.18
CA LYS A 36 7.23 -15.25 -15.31
C LYS A 36 6.19 -15.04 -16.40
N LEU A 37 6.51 -14.14 -17.34
CA LEU A 37 5.72 -13.88 -18.53
C LEU A 37 6.62 -14.19 -19.73
N SER A 38 6.41 -15.34 -20.35
CA SER A 38 7.25 -15.82 -21.44
C SER A 38 6.50 -15.80 -22.75
N TYR A 39 7.24 -15.62 -23.84
CA TYR A 39 6.69 -15.68 -25.19
C TYR A 39 7.50 -16.67 -26.01
N TYR A 40 6.81 -17.48 -26.81
CA TYR A 40 7.42 -18.55 -27.57
C TYR A 40 7.12 -18.38 -29.06
N GLU A 41 7.92 -19.06 -29.88
CA GLU A 41 7.58 -19.24 -31.28
C GLU A 41 6.45 -20.25 -31.40
N TYR A 42 5.65 -20.11 -32.46
CA TYR A 42 4.48 -20.95 -32.66
C TYR A 42 4.51 -21.58 -34.04
N ASP A 43 4.35 -22.90 -34.10
CA ASP A 43 4.23 -23.62 -35.37
C ASP A 43 2.75 -23.59 -35.75
N PHE A 44 2.39 -22.68 -36.65
CA PHE A 44 0.98 -22.48 -36.97
C PHE A 44 0.41 -23.64 -37.76
N GLU A 45 1.18 -24.19 -38.70
CA GLU A 45 0.68 -25.31 -39.51
C GLU A 45 0.37 -26.51 -38.63
N ARG A 46 1.20 -26.77 -37.62
CA ARG A 46 0.96 -27.86 -36.70
C ARG A 46 0.17 -27.44 -35.46
N GLY A 47 -0.07 -26.14 -35.28
CA GLY A 47 -0.74 -25.65 -34.11
C GLY A 47 -0.07 -26.11 -32.83
N ARG A 48 1.23 -25.84 -32.72
CA ARG A 48 2.04 -26.30 -31.61
C ARG A 48 2.99 -25.21 -31.16
N ARG A 49 3.16 -25.07 -29.86
CA ARG A 49 4.09 -24.09 -29.31
C ARG A 49 5.53 -24.48 -29.63
N GLY A 50 6.30 -23.51 -30.08
CA GLY A 50 7.70 -23.72 -30.42
C GLY A 50 8.63 -23.47 -29.27
N SER A 51 9.84 -23.04 -29.58
CA SER A 51 10.86 -22.78 -28.58
C SER A 51 10.62 -21.43 -27.91
N LYS A 52 11.26 -21.24 -26.75
CA LYS A 52 11.16 -20.00 -26.02
C LYS A 52 12.13 -18.97 -26.57
N LYS A 53 11.65 -17.74 -26.72
CA LYS A 53 12.46 -16.64 -27.22
C LYS A 53 12.70 -15.55 -26.19
N GLY A 54 12.09 -15.63 -25.01
CA GLY A 54 12.30 -14.62 -23.99
C GLY A 54 11.29 -14.70 -22.86
N SER A 55 11.63 -14.12 -21.72
CA SER A 55 10.75 -14.12 -20.56
C SER A 55 11.05 -12.90 -19.70
N ILE A 56 10.06 -12.50 -18.92
CA ILE A 56 10.17 -11.33 -18.04
C ILE A 56 9.80 -11.76 -16.63
N ASP A 57 10.62 -11.38 -15.66
CA ASP A 57 10.32 -11.66 -14.26
C ASP A 57 9.07 -10.90 -13.84
N VAL A 58 8.11 -11.62 -13.25
CA VAL A 58 6.91 -10.98 -12.74
C VAL A 58 7.26 -9.94 -11.70
N GLU A 59 8.12 -10.31 -10.74
CA GLU A 59 8.50 -9.40 -9.67
C GLU A 59 9.19 -8.15 -10.17
N LYS A 60 9.65 -8.12 -11.42
CA LYS A 60 10.32 -6.96 -11.99
C LYS A 60 9.39 -6.06 -12.78
N ILE A 61 8.15 -6.48 -13.03
CA ILE A 61 7.19 -5.65 -13.74
C ILE A 61 6.67 -4.58 -12.78
N THR A 62 6.60 -3.34 -13.26
CA THR A 62 6.17 -2.21 -12.45
C THR A 62 4.84 -1.61 -12.88
N CYS A 63 4.35 -1.95 -14.07
CA CYS A 63 3.09 -1.38 -14.55
C CYS A 63 2.68 -2.09 -15.82
N VAL A 64 1.37 -2.21 -16.02
CA VAL A 64 0.79 -2.75 -17.23
C VAL A 64 -0.38 -1.86 -17.62
N GLU A 65 -0.37 -1.38 -18.87
CA GLU A 65 -1.39 -0.43 -19.32
C GLU A 65 -1.41 -0.42 -20.83
N THR A 66 -2.44 0.22 -21.37
CA THR A 66 -2.58 0.36 -22.82
C THR A 66 -1.58 1.38 -23.34
N VAL A 67 -1.52 1.50 -24.67
CA VAL A 67 -0.63 2.44 -25.35
C VAL A 67 -1.43 3.14 -26.44
N ILE A 68 -1.25 4.45 -26.56
CA ILE A 68 -1.90 5.23 -27.60
C ILE A 68 -1.51 4.65 -28.95
N PRO A 69 -2.46 4.16 -29.77
CA PRO A 69 -2.07 3.55 -31.06
C PRO A 69 -1.23 4.48 -31.93
N GLU A 70 -0.64 3.93 -32.98
CA GLU A 70 0.17 4.74 -33.89
C GLU A 70 -0.71 5.69 -34.70
N LYS A 71 -0.12 6.81 -35.11
CA LYS A 71 -0.86 7.78 -35.91
C LYS A 71 -1.21 7.22 -37.27
N ASN A 72 -0.26 6.53 -37.92
CA ASN A 72 -0.46 5.94 -39.23
C ASN A 72 0.11 4.52 -39.20
N PRO A 73 -0.64 3.56 -38.70
CA PRO A 73 -0.12 2.18 -38.59
C PRO A 73 -0.21 1.45 -39.92
N PRO A 74 0.49 0.33 -40.06
CA PRO A 74 0.42 -0.44 -41.30
C PRO A 74 -0.83 -1.29 -41.35
N PRO A 75 -1.20 -1.80 -42.52
CA PRO A 75 -2.46 -2.56 -42.63
C PRO A 75 -2.60 -3.68 -41.62
N GLU A 76 -1.49 -4.25 -41.14
CA GLU A 76 -1.58 -5.36 -40.19
C GLU A 76 -2.04 -4.91 -38.81
N ARG A 77 -1.89 -3.62 -38.48
CA ARG A 77 -2.20 -3.14 -37.14
C ARG A 77 -3.18 -1.97 -37.17
N GLN A 78 -4.12 -1.99 -38.12
CA GLN A 78 -5.16 -0.98 -38.21
C GLN A 78 -6.48 -1.56 -37.75
N ILE A 79 -7.28 -0.74 -37.08
CA ILE A 79 -8.63 -1.18 -36.69
C ILE A 79 -9.42 -1.52 -37.94
N PRO A 80 -10.10 -2.66 -38.00
CA PRO A 80 -10.83 -3.01 -39.24
C PRO A 80 -11.97 -2.06 -39.51
N ARG A 81 -12.24 -1.85 -40.80
CA ARG A 81 -13.31 -0.95 -41.22
C ARG A 81 -14.68 -1.60 -41.13
N ARG A 82 -14.75 -2.93 -41.04
CA ARG A 82 -16.02 -3.65 -41.00
C ARG A 82 -16.01 -4.58 -39.79
N GLY A 83 -17.01 -4.46 -38.94
CA GLY A 83 -17.13 -5.29 -37.76
C GLY A 83 -17.29 -6.76 -38.08
N ALA A 95 -6.21 -15.07 -36.89
CA ALA A 95 -5.12 -14.27 -36.34
C ALA A 95 -4.40 -13.50 -37.45
N GLU A 96 -5.00 -12.38 -37.85
CA GLU A 96 -4.44 -11.54 -38.92
C GLU A 96 -4.20 -10.11 -38.48
N ARG A 97 -5.17 -9.50 -37.79
CA ARG A 97 -5.06 -8.11 -37.37
C ARG A 97 -4.67 -8.05 -35.89
N PHE A 98 -3.85 -7.06 -35.55
CA PHE A 98 -3.41 -6.81 -34.17
C PHE A 98 -3.33 -5.32 -33.95
N PRO A 99 -4.47 -4.63 -33.88
CA PRO A 99 -4.48 -3.16 -33.80
C PRO A 99 -4.64 -2.59 -32.40
N TYR A 100 -4.59 -3.39 -31.35
CA TYR A 100 -4.84 -2.94 -29.99
C TYR A 100 -3.63 -3.23 -29.11
N PRO A 101 -2.78 -2.24 -28.81
CA PRO A 101 -1.55 -2.52 -28.07
C PRO A 101 -1.65 -2.29 -26.57
N PHE A 102 -0.79 -2.96 -25.82
CA PHE A 102 -0.61 -2.71 -24.40
C PHE A 102 0.86 -2.94 -24.07
N GLN A 103 1.32 -2.30 -22.99
CA GLN A 103 2.73 -2.30 -22.63
C GLN A 103 2.94 -2.93 -21.26
N VAL A 104 4.07 -3.59 -21.11
CA VAL A 104 4.52 -4.16 -19.84
C VAL A 104 5.82 -3.48 -19.48
N VAL A 105 5.80 -2.67 -18.42
CA VAL A 105 6.94 -1.86 -18.04
C VAL A 105 7.80 -2.64 -17.05
N TYR A 106 9.11 -2.67 -17.30
CA TYR A 106 10.06 -3.30 -16.39
C TYR A 106 11.44 -2.72 -16.69
N ASP A 107 12.43 -3.14 -15.89
CA ASP A 107 13.76 -2.55 -15.99
C ASP A 107 14.29 -2.58 -17.41
N GLU A 108 14.10 -3.69 -18.12
CA GLU A 108 14.59 -3.82 -19.50
C GLU A 108 13.63 -3.13 -20.46
N GLY A 109 13.46 -1.83 -20.26
CA GLY A 109 12.60 -1.03 -21.10
C GLY A 109 11.18 -1.55 -21.14
N PRO A 110 10.34 -0.94 -21.97
CA PRO A 110 8.96 -1.40 -22.10
C PRO A 110 8.79 -2.43 -23.22
N LEU A 111 7.97 -3.44 -22.94
CA LEU A 111 7.61 -4.45 -23.92
C LEU A 111 6.24 -4.13 -24.48
N TYR A 112 6.14 -3.99 -25.79
CA TYR A 112 4.89 -3.61 -26.45
C TYR A 112 4.27 -4.83 -27.12
N VAL A 113 3.02 -5.10 -26.80
CA VAL A 113 2.31 -6.28 -27.28
C VAL A 113 0.99 -5.83 -27.88
N PHE A 114 0.70 -6.29 -29.11
CA PHE A 114 -0.51 -5.93 -29.82
C PHE A 114 -1.50 -7.08 -29.76
N SER A 115 -2.76 -6.76 -29.47
CA SER A 115 -3.82 -7.75 -29.36
C SER A 115 -4.80 -7.65 -30.53
N PRO A 116 -5.38 -8.77 -30.98
CA PRO A 116 -6.33 -8.69 -32.10
C PRO A 116 -7.65 -8.06 -31.71
N THR A 117 -8.12 -8.27 -30.49
CA THR A 117 -9.41 -7.76 -30.04
C THR A 117 -9.21 -6.89 -28.80
N GLU A 118 -10.17 -6.00 -28.57
CA GLU A 118 -10.12 -5.13 -27.39
C GLU A 118 -10.42 -5.92 -26.13
N GLU A 119 -11.35 -6.87 -26.20
CA GLU A 119 -11.70 -7.66 -25.02
C GLU A 119 -10.52 -8.50 -24.55
N LEU A 120 -9.79 -9.10 -25.48
CA LEU A 120 -8.64 -9.90 -25.10
C LEU A 120 -7.58 -9.06 -24.40
N ARG A 121 -7.34 -7.84 -24.91
CA ARG A 121 -6.39 -6.95 -24.25
C ARG A 121 -6.84 -6.63 -22.83
N LYS A 122 -8.15 -6.44 -22.63
CA LYS A 122 -8.65 -6.12 -21.29
C LYS A 122 -8.46 -7.28 -20.33
N ARG A 123 -8.46 -8.52 -20.84
CA ARG A 123 -8.29 -9.67 -19.97
C ARG A 123 -6.85 -9.83 -19.51
N TRP A 124 -5.88 -9.53 -20.39
CA TRP A 124 -4.48 -9.69 -20.02
C TRP A 124 -4.02 -8.57 -19.09
N ILE A 125 -4.45 -7.33 -19.35
CA ILE A 125 -4.11 -6.24 -18.43
C ILE A 125 -4.70 -6.51 -17.06
N HIS A 126 -5.87 -7.15 -16.99
CA HIS A 126 -6.48 -7.46 -15.71
C HIS A 126 -5.73 -8.58 -15.00
N GLN A 127 -5.48 -9.69 -15.70
CA GLN A 127 -4.77 -10.80 -15.07
C GLN A 127 -3.33 -10.42 -14.76
N LEU A 128 -2.69 -9.66 -15.64
CA LEU A 128 -1.33 -9.19 -15.35
C LEU A 128 -1.30 -8.40 -14.06
N LYS A 129 -2.26 -7.49 -13.88
CA LYS A 129 -2.31 -6.71 -12.65
C LYS A 129 -2.57 -7.61 -11.44
N ASN A 130 -3.48 -8.58 -11.59
CA ASN A 130 -3.69 -9.56 -10.53
C ASN A 130 -2.39 -10.24 -10.13
N VAL A 131 -1.43 -10.29 -11.05
CA VAL A 131 -0.17 -11.00 -10.81
C VAL A 131 0.92 -10.08 -10.27
N ILE A 132 0.82 -8.77 -10.49
CA ILE A 132 1.85 -7.82 -10.07
C ILE A 132 1.38 -6.90 -8.96
N ARG A 133 0.12 -7.01 -8.52
CA ARG A 133 -0.39 -6.07 -7.52
C ARG A 133 0.36 -6.18 -6.20
N TYR A 134 1.10 -7.27 -5.98
CA TYR A 134 1.86 -7.46 -4.75
C TYR A 134 3.32 -7.03 -4.89
N ASN A 135 3.72 -6.57 -6.08
CA ASN A 135 5.09 -6.11 -6.27
C ASN A 135 5.34 -4.83 -5.48
N SER A 136 6.57 -4.67 -5.01
CA SER A 136 6.95 -3.52 -4.20
C SER A 136 7.48 -2.36 -5.02
N ASP A 137 7.69 -2.55 -6.33
CA ASP A 137 8.22 -1.51 -7.20
CA ASP A 137 8.22 -1.51 -7.20
C ASP A 137 7.17 -0.94 -8.14
N LEU A 138 5.88 -1.12 -7.82
CA LEU A 138 4.83 -0.59 -8.66
C LEU A 138 4.95 0.94 -8.73
N VAL A 139 4.75 1.47 -9.93
CA VAL A 139 4.94 2.90 -10.18
C VAL A 139 3.58 3.58 -10.22
N GLN A 140 3.60 4.91 -10.06
CA GLN A 140 2.41 5.73 -10.11
C GLN A 140 2.32 6.59 -11.37
N LYS A 141 3.36 6.58 -12.20
CA LYS A 141 3.37 7.28 -13.48
C LYS A 141 3.70 6.30 -14.59
N TYR A 142 3.49 6.72 -15.83
CA TYR A 142 3.80 5.90 -16.99
C TYR A 142 3.78 6.77 -18.24
N HIS A 143 4.38 6.23 -19.30
CA HIS A 143 4.41 6.91 -20.60
C HIS A 143 3.22 6.44 -21.43
N PRO A 144 2.19 7.27 -21.64
CA PRO A 144 1.01 6.80 -22.39
C PRO A 144 1.27 6.56 -23.86
N CYS A 145 2.47 6.86 -24.37
CA CYS A 145 2.78 6.71 -25.78
C CYS A 145 3.97 5.77 -25.96
N PHE A 146 4.19 5.40 -27.22
CA PHE A 146 5.24 4.45 -27.56
C PHE A 146 6.63 5.09 -27.38
N TRP A 147 7.66 4.27 -27.56
CA TRP A 147 9.05 4.71 -27.54
C TRP A 147 9.63 4.47 -28.93
N ILE A 148 9.85 5.55 -29.67
CA ILE A 148 10.31 5.46 -31.05
C ILE A 148 11.44 6.45 -31.28
N ASP A 149 12.34 6.08 -32.19
CA ASP A 149 13.48 6.92 -32.60
C ASP A 149 14.38 7.27 -31.43
N GLY A 150 14.51 6.33 -30.49
CA GLY A 150 15.24 6.59 -29.26
C GLY A 150 14.61 7.64 -28.38
N GLN A 151 13.29 7.81 -28.45
CA GLN A 151 12.59 8.84 -27.69
C GLN A 151 11.18 8.34 -27.40
N TYR A 152 10.58 8.90 -26.35
CA TYR A 152 9.18 8.69 -26.04
C TYR A 152 8.33 9.72 -26.75
N LEU A 153 7.16 9.31 -27.21
CA LEU A 153 6.28 10.21 -27.95
C LEU A 153 5.38 11.04 -27.06
N CYS A 154 5.36 10.77 -25.75
CA CYS A 154 4.59 11.58 -24.82
C CYS A 154 5.43 12.67 -24.18
N CYS A 155 6.66 12.35 -23.79
CA CYS A 155 7.52 13.26 -23.05
C CYS A 155 8.82 13.58 -23.75
N SER A 156 9.19 12.87 -24.81
CA SER A 156 10.39 13.09 -25.58
C SER A 156 11.66 12.72 -24.82
N GLN A 157 11.53 12.03 -23.68
CA GLN A 157 12.70 11.55 -22.96
C GLN A 157 13.49 10.58 -23.83
N THR A 158 14.82 10.59 -23.65
CA THR A 158 15.71 9.73 -24.42
C THR A 158 16.23 8.56 -23.60
N ALA A 159 15.44 8.09 -22.64
CA ALA A 159 15.82 6.93 -21.83
C ALA A 159 14.58 6.09 -21.58
N LYS A 160 14.66 4.80 -21.95
CA LYS A 160 13.54 3.90 -21.72
C LYS A 160 13.17 3.82 -20.24
N ASN A 161 14.15 4.04 -19.36
CA ASN A 161 13.92 4.03 -17.92
C ASN A 161 13.53 5.40 -17.38
N ALA A 162 13.16 6.34 -18.25
CA ALA A 162 12.74 7.65 -17.80
C ALA A 162 11.51 7.54 -16.91
N MET A 163 11.32 8.52 -16.04
CA MET A 163 10.17 8.52 -15.15
C MET A 163 8.89 8.79 -15.94
N GLY A 164 7.83 8.06 -15.60
CA GLY A 164 6.54 8.23 -16.25
C GLY A 164 6.14 9.69 -16.35
N CYS A 165 5.51 10.06 -17.46
CA CYS A 165 5.13 11.44 -17.71
C CYS A 165 3.68 11.74 -17.38
N GLN A 166 2.84 10.72 -17.28
CA GLN A 166 1.42 10.87 -16.96
C GLN A 166 1.12 10.11 -15.67
N ILE A 167 0.01 10.48 -15.02
CA ILE A 167 -0.42 9.83 -13.80
C ILE A 167 -1.27 8.62 -14.17
N LEU A 168 -1.00 7.48 -13.53
CA LEU A 168 -1.81 6.29 -13.73
C LEU A 168 -3.07 6.36 -12.90
N GLU A 169 -4.19 5.92 -13.48
CA GLU A 169 -5.45 5.91 -12.74
C GLU A 169 -5.37 4.99 -11.52
N ASN A 170 -4.60 3.91 -11.62
CA ASN A 170 -4.41 2.98 -10.52
C ASN A 170 -2.94 2.64 -10.39
N ARG A 171 -2.49 2.42 -9.15
CA ARG A 171 -1.11 2.08 -8.90
C ARG A 171 -0.73 0.80 -9.64
N GLY A 172 0.29 0.89 -10.49
CA GLY A 172 0.71 -0.25 -11.27
C GLY A 172 -0.15 -0.56 -12.48
N GLY A 173 -1.05 0.35 -12.86
CA GLY A 173 -1.91 0.10 -13.99
C GLY A 173 -3.06 -0.83 -13.65
N GLY A 174 -3.61 -1.45 -14.70
CA GLY A 174 -4.70 -2.39 -14.54
C GLY A 174 -5.97 -1.95 -15.24
N SER A 175 -5.83 -1.09 -16.25
CA SER A 175 -6.98 -0.61 -17.01
C SER A 175 -6.78 -0.85 -18.51
N GLY A 191 -14.34 -4.48 -9.32
CA GLY A 191 -13.46 -3.50 -9.95
C GLY A 191 -12.04 -4.01 -10.08
N GLY A 192 -11.10 -3.08 -10.22
CA GLY A 192 -9.69 -3.44 -10.35
C GLY A 192 -9.04 -3.95 -9.09
N GLY A 193 -9.75 -3.94 -7.96
CA GLY A 193 -9.19 -4.41 -6.71
C GLY A 193 -9.86 -5.66 -6.19
N GLU A 194 -10.52 -6.40 -7.08
CA GLU A 194 -11.25 -7.61 -6.71
C GLU A 194 -10.30 -8.79 -6.84
N ILE A 195 -9.79 -9.25 -5.70
CA ILE A 195 -8.95 -10.45 -5.66
C ILE A 195 -9.85 -11.66 -5.57
N ASP A 196 -9.54 -12.69 -6.35
CA ASP A 196 -10.35 -13.90 -6.34
C ASP A 196 -9.88 -14.82 -5.21
N PRO A 197 -10.76 -15.25 -4.31
CA PRO A 197 -10.29 -16.06 -3.16
C PRO A 197 -9.85 -17.47 -3.52
N LYS A 198 -10.11 -17.95 -4.74
CA LYS A 198 -9.68 -19.30 -5.10
C LYS A 198 -8.17 -19.44 -5.10
N ASP A 199 -7.43 -18.32 -5.19
CA ASP A 199 -5.97 -18.35 -5.21
C ASP A 199 -5.36 -18.06 -3.85
N LEU A 200 -6.18 -17.96 -2.81
CA LEU A 200 -5.69 -17.68 -1.46
C LEU A 200 -5.59 -18.97 -0.66
N THR A 201 -4.60 -19.03 0.23
CA THR A 201 -4.35 -20.19 1.07
C THR A 201 -4.14 -19.73 2.50
N PHE A 202 -4.99 -20.18 3.41
CA PHE A 202 -4.86 -19.83 4.82
C PHE A 202 -3.87 -20.77 5.49
N LEU A 203 -2.87 -20.20 6.17
CA LEU A 203 -1.78 -20.96 6.74
C LEU A 203 -1.61 -20.79 8.24
N LYS A 204 -2.00 -19.67 8.82
CA LYS A 204 -1.78 -19.43 10.24
C LYS A 204 -2.67 -18.29 10.71
N GLU A 205 -3.09 -18.39 11.97
CA GLU A 205 -3.91 -17.36 12.58
C GLU A 205 -3.03 -16.23 13.12
N LEU A 206 -3.56 -15.01 13.04
CA LEU A 206 -2.86 -13.82 13.51
C LEU A 206 -3.60 -13.08 14.62
N GLY A 207 -4.72 -13.62 15.09
CA GLY A 207 -5.48 -13.02 16.16
C GLY A 207 -6.80 -12.45 15.67
N THR A 208 -7.40 -11.64 16.54
CA THR A 208 -8.69 -11.01 16.27
C THR A 208 -8.59 -9.52 16.55
N GLY A 209 -9.27 -8.72 15.71
CA GLY A 209 -9.29 -7.29 15.88
C GLY A 209 -10.71 -6.74 15.99
N GLN A 210 -10.89 -5.48 15.60
CA GLN A 210 -12.21 -4.88 15.67
C GLN A 210 -13.16 -5.48 14.63
N PHE A 211 -12.63 -5.94 13.51
CA PHE A 211 -13.44 -6.46 12.42
C PHE A 211 -13.48 -7.98 12.37
N GLY A 212 -12.81 -8.66 13.29
CA GLY A 212 -12.86 -10.11 13.38
C GLY A 212 -11.48 -10.74 13.25
N VAL A 213 -11.46 -11.96 12.74
CA VAL A 213 -10.24 -12.75 12.67
C VAL A 213 -9.36 -12.24 11.54
N VAL A 214 -8.05 -12.40 11.72
CA VAL A 214 -7.06 -12.08 10.70
C VAL A 214 -6.12 -13.28 10.58
N LYS A 215 -5.82 -13.68 9.35
CA LYS A 215 -5.02 -14.86 9.09
C LYS A 215 -3.86 -14.51 8.18
N TYR A 216 -2.82 -15.34 8.24
CA TYR A 216 -1.67 -15.24 7.36
C TYR A 216 -1.80 -16.26 6.24
N GLY A 217 -1.55 -15.84 5.01
CA GLY A 217 -1.69 -16.73 3.88
C GLY A 217 -0.82 -16.29 2.73
N LYS A 218 -1.02 -16.96 1.59
CA LYS A 218 -0.27 -16.68 0.37
C LYS A 218 -1.22 -16.66 -0.81
N TRP A 219 -0.90 -15.80 -1.79
CA TRP A 219 -1.67 -15.71 -3.03
C TRP A 219 -0.95 -16.53 -4.09
N ARG A 220 -1.64 -17.55 -4.61
CA ARG A 220 -1.05 -18.48 -5.58
C ARG A 220 0.19 -19.16 -5.00
N GLY A 221 0.23 -19.28 -3.67
CA GLY A 221 1.37 -19.90 -3.00
C GLY A 221 2.69 -19.25 -3.39
N GLN A 222 2.78 -17.92 -3.24
CA GLN A 222 3.99 -17.21 -3.62
CA GLN A 222 3.99 -17.21 -3.62
C GLN A 222 4.16 -15.94 -2.80
N TYR A 223 3.18 -15.04 -2.87
CA TYR A 223 3.25 -13.75 -2.20
C TYR A 223 2.58 -13.84 -0.84
N ASP A 224 3.33 -13.55 0.22
CA ASP A 224 2.76 -13.50 1.56
C ASP A 224 1.78 -12.35 1.68
N VAL A 225 0.64 -12.62 2.31
CA VAL A 225 -0.42 -11.63 2.48
C VAL A 225 -1.14 -11.90 3.79
N ALA A 226 -1.79 -10.86 4.31
CA ALA A 226 -2.65 -10.98 5.49
C ALA A 226 -4.09 -10.82 5.05
N ILE A 227 -4.94 -11.73 5.50
CA ILE A 227 -6.34 -11.78 5.08
C ILE A 227 -7.19 -11.33 6.26
N ARG A 228 -7.87 -10.19 6.11
CA ARG A 228 -8.74 -9.64 7.14
CA ARG A 228 -8.74 -9.65 7.14
C ARG A 228 -10.17 -10.07 6.83
N MET A 229 -10.69 -11.00 7.62
CA MET A 229 -12.06 -11.49 7.45
C MET A 229 -12.99 -10.61 8.27
N ILE A 230 -13.80 -9.82 7.58
CA ILE A 230 -14.64 -8.80 8.22
C ILE A 230 -15.93 -9.46 8.70
N ARG A 231 -16.10 -9.53 10.01
CA ARG A 231 -17.34 -10.05 10.58
C ARG A 231 -18.53 -9.23 10.11
N GLU A 232 -19.60 -9.91 9.70
CA GLU A 232 -20.78 -9.22 9.23
C GLU A 232 -21.41 -8.41 10.36
N GLY A 233 -21.79 -7.17 10.04
CA GLY A 233 -22.36 -6.27 11.02
C GLY A 233 -21.35 -5.44 11.78
N SER A 234 -20.05 -5.61 11.51
CA SER A 234 -19.01 -4.88 12.21
C SER A 234 -18.44 -3.71 11.38
N MET A 235 -18.72 -3.66 10.08
CA MET A 235 -18.15 -2.65 9.21
C MET A 235 -19.22 -2.14 8.25
N SER A 236 -19.14 -0.84 7.94
CA SER A 236 -19.94 -0.24 6.88
C SER A 236 -19.27 -0.60 5.55
N GLU A 237 -19.58 -1.80 5.06
CA GLU A 237 -18.86 -2.37 3.93
C GLU A 237 -18.99 -1.48 2.69
N ASP A 238 -20.21 -1.06 2.36
CA ASP A 238 -20.42 -0.27 1.15
C ASP A 238 -19.58 1.01 1.18
N GLU A 239 -19.53 1.68 2.33
CA GLU A 239 -18.77 2.93 2.42
C GLU A 239 -17.27 2.66 2.30
N PHE A 240 -16.78 1.55 2.87
CA PHE A 240 -15.36 1.25 2.79
C PHE A 240 -14.96 0.88 1.37
N ILE A 241 -15.74 0.03 0.71
CA ILE A 241 -15.43 -0.39 -0.65
C ILE A 241 -15.23 0.82 -1.55
N GLU A 242 -15.94 1.91 -1.30
CA GLU A 242 -15.74 3.13 -2.07
C GLU A 242 -14.42 3.79 -1.71
N GLU A 243 -13.97 3.67 -0.46
CA GLU A 243 -12.71 4.26 -0.06
C GLU A 243 -11.53 3.36 -0.40
N ALA A 244 -11.72 2.04 -0.43
CA ALA A 244 -10.65 1.14 -0.81
C ALA A 244 -10.09 1.48 -2.19
N LYS A 245 -10.89 2.14 -3.04
CA LYS A 245 -10.37 2.56 -4.34
C LYS A 245 -9.25 3.59 -4.18
N VAL A 246 -9.31 4.41 -3.14
CA VAL A 246 -8.28 5.41 -2.88
C VAL A 246 -7.17 4.85 -2.01
N MET A 247 -7.52 4.04 -1.00
CA MET A 247 -6.51 3.47 -0.13
CA MET A 247 -6.51 3.47 -0.13
C MET A 247 -5.56 2.55 -0.89
N MET A 248 -6.06 1.87 -1.92
CA MET A 248 -5.21 0.97 -2.69
C MET A 248 -4.06 1.73 -3.35
N ASN A 249 -4.33 2.95 -3.83
CA ASN A 249 -3.32 3.74 -4.51
C ASN A 249 -2.33 4.38 -3.54
N LEU A 250 -2.62 4.39 -2.24
CA LEU A 250 -1.69 4.91 -1.25
C LEU A 250 -0.57 3.90 -1.03
N SER A 251 0.68 4.35 -1.17
CA SER A 251 1.83 3.46 -1.06
C SER A 251 2.99 4.22 -0.42
N HIS A 252 3.54 3.65 0.64
CA HIS A 252 4.73 4.20 1.29
C HIS A 252 5.44 3.08 2.02
N GLU A 253 6.78 3.11 2.00
CA GLU A 253 7.55 2.04 2.60
C GLU A 253 7.19 1.81 4.06
N LYS A 254 6.77 2.86 4.76
CA LYS A 254 6.39 2.77 6.16
C LYS A 254 4.88 2.70 6.36
N LEU A 255 4.14 2.29 5.32
CA LEU A 255 2.68 2.20 5.38
C LEU A 255 2.26 0.81 4.92
N VAL A 256 1.48 0.12 5.76
CA VAL A 256 1.00 -1.21 5.39
C VAL A 256 0.14 -1.10 4.14
N GLN A 257 0.53 -1.85 3.11
CA GLN A 257 -0.11 -1.72 1.81
C GLN A 257 -1.42 -2.51 1.76
N LEU A 258 -2.41 -1.94 1.07
CA LEU A 258 -3.67 -2.61 0.80
C LEU A 258 -3.64 -3.15 -0.62
N TYR A 259 -3.82 -4.46 -0.76
CA TYR A 259 -3.74 -5.10 -2.07
C TYR A 259 -5.10 -5.15 -2.77
N GLY A 260 -6.16 -5.51 -2.05
CA GLY A 260 -7.47 -5.58 -2.66
C GLY A 260 -8.49 -6.08 -1.68
N VAL A 261 -9.63 -6.52 -2.22
CA VAL A 261 -10.75 -7.01 -1.41
C VAL A 261 -11.42 -8.16 -2.15
N CYS A 262 -12.12 -8.99 -1.37
CA CYS A 262 -12.92 -10.09 -1.90
C CYS A 262 -14.35 -9.89 -1.39
N THR A 263 -15.21 -9.36 -2.25
CA THR A 263 -16.54 -8.91 -1.83
C THR A 263 -17.67 -9.71 -2.48
N LYS A 264 -17.36 -10.87 -3.05
CA LYS A 264 -18.40 -11.73 -3.62
C LYS A 264 -18.57 -12.98 -2.77
N GLN A 265 -18.76 -12.80 -1.46
CA GLN A 265 -18.91 -13.91 -0.54
C GLN A 265 -19.33 -13.35 0.82
N ARG A 266 -19.54 -14.25 1.78
CA ARG A 266 -19.87 -13.87 3.15
C ARG A 266 -18.96 -14.64 4.09
N PRO A 267 -18.07 -13.98 4.84
CA PRO A 267 -17.80 -12.54 4.89
C PRO A 267 -16.84 -12.07 3.82
N ILE A 268 -16.64 -10.76 3.68
CA ILE A 268 -15.68 -10.24 2.71
C ILE A 268 -14.28 -10.24 3.31
N PHE A 269 -13.28 -10.26 2.44
CA PHE A 269 -11.89 -10.25 2.84
C PHE A 269 -11.22 -8.95 2.40
N ILE A 270 -10.20 -8.55 3.16
CA ILE A 270 -9.34 -7.42 2.81
C ILE A 270 -7.91 -7.94 2.82
N ILE A 271 -7.29 -7.97 1.64
CA ILE A 271 -5.93 -8.48 1.50
C ILE A 271 -4.97 -7.31 1.65
N THR A 272 -4.03 -7.43 2.59
CA THR A 272 -3.06 -6.38 2.87
C THR A 272 -1.69 -6.98 3.06
N GLU A 273 -0.69 -6.12 3.18
CA GLU A 273 0.68 -6.56 3.40
C GLU A 273 0.78 -7.33 4.71
N TYR A 274 1.67 -8.31 4.74
CA TYR A 274 1.90 -9.15 5.92
C TYR A 274 3.08 -8.62 6.71
N MET A 275 2.91 -8.54 8.03
CA MET A 275 3.96 -8.11 8.95
C MET A 275 4.26 -9.26 9.90
N ALA A 276 5.48 -9.78 9.83
CA ALA A 276 5.80 -11.01 10.54
C ALA A 276 5.83 -10.80 12.05
N ASN A 277 6.42 -9.70 12.52
CA ASN A 277 6.61 -9.50 13.94
C ASN A 277 5.34 -9.05 14.66
N GLY A 278 4.32 -8.61 13.92
CA GLY A 278 3.03 -8.33 14.52
C GLY A 278 2.90 -6.95 15.15
N CYS A 279 2.01 -6.87 16.16
CA CYS A 279 1.69 -5.58 16.76
C CYS A 279 2.91 -4.93 17.37
N LEU A 280 2.95 -3.60 17.30
CA LEU A 280 4.05 -2.85 17.89
C LEU A 280 3.96 -2.82 19.41
N LEU A 281 2.75 -2.70 19.96
CA LEU A 281 2.58 -2.66 21.40
C LEU A 281 3.15 -3.92 22.04
N ASN A 282 2.74 -5.09 21.55
CA ASN A 282 3.30 -6.34 22.04
C ASN A 282 4.81 -6.39 21.81
N TYR A 283 5.25 -5.95 20.62
CA TYR A 283 6.67 -5.94 20.32
C TYR A 283 7.46 -5.14 21.35
N LEU A 284 6.90 -4.01 21.79
CA LEU A 284 7.60 -3.17 22.76
C LEU A 284 7.61 -3.81 24.15
N ARG A 285 6.63 -4.67 24.45
CA ARG A 285 6.47 -5.21 25.78
C ARG A 285 7.29 -6.48 26.02
N GLU A 286 7.91 -7.03 24.99
CA GLU A 286 8.81 -8.18 25.16
C GLU A 286 10.16 -7.65 25.63
N MET A 287 10.43 -7.81 26.93
CA MET A 287 11.66 -7.27 27.52
C MET A 287 12.91 -7.95 26.99
N ARG A 288 12.79 -9.07 26.29
CA ARG A 288 13.98 -9.76 25.81
C ARG A 288 14.67 -8.99 24.69
N HIS A 289 13.92 -8.21 23.91
CA HIS A 289 14.52 -7.44 22.83
C HIS A 289 15.64 -6.55 23.35
N ARG A 290 15.46 -5.95 24.52
CA ARG A 290 16.45 -5.07 25.12
C ARG A 290 16.86 -3.98 24.13
N PHE A 291 15.87 -3.16 23.75
CA PHE A 291 16.09 -2.15 22.73
C PHE A 291 17.09 -1.11 23.19
N GLN A 292 17.82 -0.54 22.22
CA GLN A 292 18.61 0.66 22.43
C GLN A 292 17.77 1.88 22.11
N THR A 293 18.12 3.00 22.74
CA THR A 293 17.38 4.23 22.49
C THR A 293 17.43 4.63 21.02
N GLN A 294 18.50 4.26 20.32
CA GLN A 294 18.56 4.52 18.88
C GLN A 294 17.49 3.72 18.14
N GLN A 295 17.23 2.48 18.56
CA GLN A 295 16.17 1.69 17.95
C GLN A 295 14.81 2.30 18.22
N LEU A 296 14.59 2.80 19.44
CA LEU A 296 13.30 3.41 19.78
C LEU A 296 13.04 4.65 18.93
N LEU A 297 14.07 5.47 18.71
CA LEU A 297 13.90 6.66 17.88
C LEU A 297 13.65 6.29 16.43
N GLU A 298 14.26 5.20 15.95
CA GLU A 298 13.99 4.74 14.59
C GLU A 298 12.52 4.36 14.43
N MET A 299 11.91 3.81 15.49
CA MET A 299 10.49 3.49 15.44
C MET A 299 9.66 4.75 15.30
N CYS A 300 10.03 5.81 16.03
CA CYS A 300 9.31 7.07 15.91
C CYS A 300 9.48 7.67 14.52
N LYS A 301 10.67 7.52 13.94
CA LYS A 301 10.91 8.03 12.59
C LYS A 301 10.07 7.30 11.57
N ASP A 302 9.96 5.97 11.69
CA ASP A 302 9.17 5.19 10.75
C ASP A 302 7.71 5.64 10.75
N VAL A 303 7.12 5.78 11.93
CA VAL A 303 5.73 6.20 12.02
C VAL A 303 5.57 7.63 11.50
N CYS A 304 6.46 8.52 11.91
CA CYS A 304 6.36 9.92 11.48
C CYS A 304 6.44 10.02 9.96
N GLU A 305 7.31 9.21 9.33
CA GLU A 305 7.41 9.24 7.87
C GLU A 305 6.09 8.86 7.23
N ALA A 306 5.41 7.84 7.77
CA ALA A 306 4.13 7.42 7.21
C ALA A 306 3.06 8.48 7.41
N MET A 307 3.01 9.09 8.60
CA MET A 307 2.03 10.14 8.85
C MET A 307 2.28 11.35 7.95
N GLU A 308 3.54 11.73 7.77
CA GLU A 308 3.86 12.84 6.88
CA GLU A 308 3.85 12.84 6.89
C GLU A 308 3.34 12.56 5.48
N TYR A 309 3.42 11.31 5.02
CA TYR A 309 2.91 10.95 3.71
C TYR A 309 1.39 11.05 3.68
N LEU A 310 0.72 10.47 4.69
CA LEU A 310 -0.72 10.60 4.77
C LEU A 310 -1.14 12.06 4.91
N GLU A 311 -0.35 12.84 5.66
CA GLU A 311 -0.64 14.26 5.80
C GLU A 311 -0.59 14.97 4.45
N SER A 312 0.36 14.59 3.60
CA SER A 312 0.46 15.19 2.28
C SER A 312 -0.70 14.79 1.37
N LYS A 313 -1.40 13.70 1.68
CA LYS A 313 -2.52 13.23 0.88
C LYS A 313 -3.86 13.58 1.51
N GLN A 314 -3.88 14.52 2.46
CA GLN A 314 -5.10 14.94 3.15
C GLN A 314 -5.81 13.77 3.84
N PHE A 315 -5.07 12.71 4.15
CA PHE A 315 -5.63 11.51 4.76
C PHE A 315 -5.34 11.52 6.26
N LEU A 316 -6.36 11.28 7.07
CA LEU A 316 -6.24 11.22 8.51
C LEU A 316 -6.27 9.77 8.99
N HIS A 317 -5.55 9.50 10.08
CA HIS A 317 -5.55 8.18 10.68
C HIS A 317 -6.73 8.01 11.66
N ARG A 318 -6.92 8.99 12.54
CA ARG A 318 -8.02 9.07 13.50
C ARG A 318 -7.89 8.06 14.64
N ASP A 319 -6.88 7.19 14.63
CA ASP A 319 -6.69 6.23 15.71
C ASP A 319 -5.25 5.76 15.78
N LEU A 320 -4.31 6.71 15.81
CA LEU A 320 -2.89 6.39 15.88
C LEU A 320 -2.54 5.95 17.29
N ALA A 321 -1.92 4.77 17.39
CA ALA A 321 -1.52 4.22 18.69
C ALA A 321 -0.61 3.03 18.44
N ALA A 322 0.19 2.70 19.46
CA ALA A 322 1.11 1.58 19.33
C ALA A 322 0.39 0.28 18.99
N ARG A 323 -0.83 0.11 19.49
CA ARG A 323 -1.59 -1.10 19.18
C ARG A 323 -1.95 -1.20 17.71
N ASN A 324 -2.03 -0.08 17.00
CA ASN A 324 -2.43 -0.05 15.60
C ASN A 324 -1.24 -0.02 14.64
N CYS A 325 -0.02 -0.20 15.15
CA CYS A 325 1.17 -0.27 14.31
C CYS A 325 1.69 -1.71 14.28
N LEU A 326 2.40 -2.04 13.20
CA LEU A 326 2.91 -3.38 12.99
C LEU A 326 4.40 -3.32 12.72
N VAL A 327 5.05 -4.47 12.89
CA VAL A 327 6.50 -4.61 12.71
C VAL A 327 6.76 -5.77 11.77
N ASN A 328 7.65 -5.56 10.80
CA ASN A 328 7.98 -6.58 9.83
C ASN A 328 9.15 -7.43 10.32
N ASP A 329 9.60 -8.36 9.47
CA ASP A 329 10.69 -9.25 9.84
C ASP A 329 12.00 -8.50 10.09
N GLN A 330 12.17 -7.32 9.50
CA GLN A 330 13.39 -6.55 9.66
C GLN A 330 13.27 -5.49 10.76
N GLY A 331 12.25 -5.57 11.60
CA GLY A 331 12.08 -4.62 12.68
C GLY A 331 11.61 -3.24 12.26
N VAL A 332 11.11 -3.09 11.03
CA VAL A 332 10.63 -1.82 10.54
C VAL A 332 9.17 -1.66 10.94
N VAL A 333 8.83 -0.53 11.55
CA VAL A 333 7.47 -0.24 11.97
C VAL A 333 6.73 0.40 10.81
N LYS A 334 5.46 0.03 10.65
CA LYS A 334 4.62 0.56 9.59
C LYS A 334 3.24 0.88 10.16
N VAL A 335 2.67 1.99 9.72
CA VAL A 335 1.34 2.41 10.16
C VAL A 335 0.29 1.55 9.47
N SER A 336 -0.73 1.14 10.21
CA SER A 336 -1.77 0.28 9.70
C SER A 336 -3.12 0.74 10.22
N ASP A 337 -4.18 0.29 9.55
CA ASP A 337 -5.56 0.61 9.93
C ASP A 337 -5.78 2.12 10.00
N PHE A 338 -5.32 2.81 8.95
CA PHE A 338 -5.50 4.25 8.85
C PHE A 338 -6.80 4.56 8.12
N GLY A 339 -7.64 5.39 8.73
CA GLY A 339 -8.94 5.71 8.17
C GLY A 339 -9.99 4.64 8.34
N MET A 340 -9.65 3.51 8.97
CA MET A 340 -10.61 2.43 9.17
C MET A 340 -11.65 2.75 10.25
N THR A 341 -11.40 3.76 11.09
CA THR A 341 -12.31 4.04 12.18
C THR A 341 -13.67 4.55 11.68
N ARG A 342 -13.69 5.19 10.51
CA ARG A 342 -14.93 5.76 9.99
C ARG A 342 -15.96 4.70 9.62
N TYR A 343 -15.58 3.42 9.62
CA TYR A 343 -16.48 2.35 9.21
C TYR A 343 -16.79 1.37 10.34
N VAL A 344 -16.31 1.63 11.56
CA VAL A 344 -16.65 0.76 12.69
C VAL A 344 -18.09 1.04 13.11
N LEU A 345 -18.90 -0.02 13.17
CA LEU A 345 -20.30 0.10 13.54
C LEU A 345 -20.52 -0.07 15.03
N ASP A 346 -19.49 -0.39 15.81
CA ASP A 346 -19.63 -0.57 17.24
C ASP A 346 -19.71 0.80 17.92
N ASP A 347 -20.83 1.08 18.58
CA ASP A 347 -20.99 2.37 19.25
C ASP A 347 -20.14 2.44 20.51
N GLU A 348 -19.84 1.29 21.13
CA GLU A 348 -18.97 1.31 22.31
C GLU A 348 -17.57 1.79 21.99
N TYR A 349 -17.19 1.80 20.71
CA TYR A 349 -15.90 2.33 20.27
C TYR A 349 -16.02 3.70 19.62
N THR A 350 -17.17 4.01 19.03
CA THR A 350 -17.35 5.29 18.36
C THR A 350 -17.71 6.39 19.36
N SER A 351 -18.57 6.08 20.33
CA SER A 351 -18.97 7.08 21.32
C SER A 351 -17.77 7.54 22.13
N SER A 352 -17.72 8.85 22.39
CA SER A 352 -16.59 9.41 23.14
C SER A 352 -16.49 8.82 24.54
N THR A 353 -17.60 8.36 25.09
CA THR A 353 -17.62 7.78 26.44
C THR A 353 -17.76 6.26 26.42
N GLY A 354 -17.57 5.63 25.27
CA GLY A 354 -17.67 4.18 25.20
C GLY A 354 -16.47 3.49 25.82
N SER A 355 -16.70 2.27 26.31
CA SER A 355 -15.62 1.52 26.96
C SER A 355 -14.48 1.22 26.00
N LYS A 356 -14.73 1.22 24.70
CA LYS A 356 -13.70 0.93 23.71
C LYS A 356 -13.09 2.18 23.08
N PHE A 357 -13.61 3.35 23.41
CA PHE A 357 -13.09 4.58 22.81
C PHE A 357 -11.68 4.85 23.32
N PRO A 358 -10.72 5.21 22.46
CA PRO A 358 -9.35 5.50 22.93
C PRO A 358 -9.24 6.89 23.55
N VAL A 359 -9.70 6.99 24.81
CA VAL A 359 -9.69 8.28 25.49
C VAL A 359 -8.26 8.74 25.77
N LYS A 360 -7.39 7.80 26.13
CA LYS A 360 -6.02 8.15 26.52
C LYS A 360 -5.15 8.59 25.34
N TRP A 361 -5.65 8.46 24.11
CA TRP A 361 -4.92 8.92 22.93
C TRP A 361 -5.60 10.09 22.24
N ALA A 362 -6.74 10.55 22.74
CA ALA A 362 -7.48 11.62 22.11
C ALA A 362 -7.11 12.97 22.69
N SER A 363 -7.12 14.00 21.84
CA SER A 363 -6.83 15.35 22.27
C SER A 363 -8.04 15.95 23.00
N PRO A 364 -7.83 16.99 23.81
CA PRO A 364 -8.96 17.57 24.55
C PRO A 364 -10.08 18.04 23.64
N GLU A 365 -9.76 18.64 22.49
CA GLU A 365 -10.81 19.12 21.60
C GLU A 365 -11.63 17.98 21.03
N VAL A 366 -11.06 16.78 20.93
CA VAL A 366 -11.79 15.63 20.43
C VAL A 366 -12.77 15.11 21.49
N LEU A 367 -12.30 14.99 22.73
CA LEU A 367 -13.16 14.48 23.79
C LEU A 367 -14.27 15.47 24.14
N MET A 368 -14.04 16.76 23.92
CA MET A 368 -15.00 17.79 24.31
C MET A 368 -15.96 18.17 23.19
N TYR A 369 -15.44 18.31 21.96
CA TYR A 369 -16.26 18.74 20.83
C TYR A 369 -16.21 17.80 19.63
N SER A 370 -15.41 16.73 19.69
CA SER A 370 -15.26 15.80 18.57
C SER A 370 -14.65 16.50 17.36
N LYS A 371 -13.77 17.47 17.60
CA LYS A 371 -13.12 18.21 16.52
C LYS A 371 -11.90 17.42 16.08
N PHE A 372 -12.03 16.68 14.98
CA PHE A 372 -10.96 15.86 14.44
C PHE A 372 -10.23 16.63 13.33
N SER A 373 -8.92 16.48 13.28
CA SER A 373 -8.09 17.14 12.29
C SER A 373 -6.70 16.52 12.36
N SER A 374 -5.79 17.05 11.54
CA SER A 374 -4.41 16.56 11.55
C SER A 374 -3.74 16.80 12.90
N LYS A 375 -4.16 17.84 13.63
CA LYS A 375 -3.56 18.12 14.92
C LYS A 375 -3.99 17.10 15.98
N SER A 376 -5.21 16.57 15.86
CA SER A 376 -5.62 15.48 16.75
C SER A 376 -4.77 14.25 16.53
N ASP A 377 -4.35 13.99 15.28
CA ASP A 377 -3.42 12.90 15.03
C ASP A 377 -2.04 13.20 15.59
N ILE A 378 -1.64 14.48 15.58
CA ILE A 378 -0.35 14.85 16.17
C ILE A 378 -0.35 14.55 17.66
N TRP A 379 -1.45 14.85 18.34
CA TRP A 379 -1.56 14.52 19.76
C TRP A 379 -1.35 13.03 19.99
N ALA A 380 -2.06 12.20 19.21
CA ALA A 380 -1.93 10.76 19.37
C ALA A 380 -0.50 10.30 19.07
N PHE A 381 0.14 10.92 18.08
CA PHE A 381 1.52 10.57 17.76
C PHE A 381 2.44 10.84 18.95
N GLY A 382 2.27 11.99 19.61
CA GLY A 382 3.05 12.27 20.80
C GLY A 382 2.87 11.19 21.86
N VAL A 383 1.63 10.73 22.05
CA VAL A 383 1.39 9.63 22.96
C VAL A 383 2.04 8.35 22.45
N LEU A 384 2.08 8.17 21.12
CA LEU A 384 2.72 7.00 20.55
C LEU A 384 4.21 6.99 20.87
N MET A 385 4.89 8.13 20.70
CA MET A 385 6.29 8.22 21.09
C MET A 385 6.47 7.89 22.56
N TRP A 386 5.57 8.39 23.40
CA TRP A 386 5.65 8.09 24.83
C TRP A 386 5.52 6.60 25.08
N GLU A 387 4.68 5.91 24.30
CA GLU A 387 4.57 4.46 24.44
C GLU A 387 5.86 3.77 24.03
N ILE A 388 6.47 4.21 22.93
CA ILE A 388 7.68 3.57 22.45
C ILE A 388 8.80 3.70 23.47
N TYR A 389 9.01 4.90 24.00
CA TYR A 389 10.07 5.13 24.97
C TYR A 389 9.73 4.63 26.37
N SER A 390 8.48 4.26 26.61
CA SER A 390 8.08 3.63 27.87
C SER A 390 7.99 2.11 27.74
N LEU A 391 8.25 1.56 26.56
CA LEU A 391 8.25 0.11 26.34
C LEU A 391 6.86 -0.48 26.57
N GLY A 392 5.86 0.15 25.95
CA GLY A 392 4.51 -0.38 25.98
C GLY A 392 3.75 -0.14 27.26
N LYS A 393 4.16 0.83 28.07
CA LYS A 393 3.45 1.13 29.31
C LYS A 393 2.16 1.89 29.00
N MET A 394 1.11 1.57 29.75
CA MET A 394 -0.17 2.24 29.56
CA MET A 394 -0.17 2.24 29.56
C MET A 394 -0.05 3.70 29.99
N PRO A 395 -0.52 4.66 29.18
CA PRO A 395 -0.47 6.06 29.62
C PRO A 395 -1.50 6.33 30.70
N TYR A 396 -1.16 7.27 31.58
CA TYR A 396 -2.00 7.62 32.72
C TYR A 396 -2.46 6.35 33.44
N GLU A 397 -1.49 5.51 33.79
CA GLU A 397 -1.81 4.21 34.37
C GLU A 397 -2.66 4.34 35.62
N ARG A 398 -2.43 5.37 36.42
CA ARG A 398 -3.16 5.58 37.66
CA ARG A 398 -3.17 5.57 37.65
C ARG A 398 -4.56 6.13 37.42
N PHE A 399 -4.90 6.53 36.20
CA PHE A 399 -6.18 7.12 35.89
C PHE A 399 -7.00 6.20 34.99
N THR A 400 -8.32 6.23 35.19
CA THR A 400 -9.23 5.51 34.31
C THR A 400 -9.54 6.38 33.08
N ASN A 401 -10.37 5.83 32.18
CA ASN A 401 -10.72 6.58 30.99
C ASN A 401 -11.46 7.86 31.33
N SER A 402 -12.46 7.77 32.21
CA SER A 402 -13.20 8.97 32.61
C SER A 402 -12.31 9.93 33.38
N GLU A 403 -11.49 9.40 34.30
CA GLU A 403 -10.59 10.27 35.06
C GLU A 403 -9.61 10.99 34.15
N THR A 404 -9.12 10.29 33.11
CA THR A 404 -8.17 10.90 32.20
C THR A 404 -8.80 12.04 31.42
N ALA A 405 -9.98 11.79 30.84
CA ALA A 405 -10.65 12.82 30.04
C ALA A 405 -10.85 14.10 30.84
N GLU A 406 -11.19 13.96 32.14
CA GLU A 406 -11.42 15.14 32.96
C GLU A 406 -10.11 15.86 33.30
N HIS A 407 -9.00 15.13 33.40
CA HIS A 407 -7.75 15.71 33.86
C HIS A 407 -6.88 16.23 32.72
N ILE A 408 -6.89 15.56 31.56
CA ILE A 408 -6.10 16.07 30.44
C ILE A 408 -6.64 17.41 29.97
N ALA A 409 -7.96 17.63 30.11
CA ALA A 409 -8.54 18.91 29.76
C ALA A 409 -8.13 20.01 30.74
N GLN A 410 -7.69 19.64 31.94
CA GLN A 410 -7.24 20.61 32.92
C GLN A 410 -5.76 20.94 32.78
N GLY A 411 -4.96 20.02 32.25
CA GLY A 411 -3.54 20.24 32.10
C GLY A 411 -2.70 19.00 32.35
N LEU A 412 -3.36 17.90 32.68
CA LEU A 412 -2.65 16.65 32.92
C LEU A 412 -1.89 16.22 31.67
N ARG A 413 -0.59 15.97 31.83
CA ARG A 413 0.28 15.56 30.74
C ARG A 413 1.16 14.41 31.19
N LEU A 414 1.57 13.60 30.23
CA LEU A 414 2.39 12.43 30.54
C LEU A 414 3.79 12.86 30.97
N PRO A 415 4.41 12.13 31.89
CA PRO A 415 5.78 12.47 32.31
C PRO A 415 6.81 11.98 31.30
N ARG A 416 8.05 12.40 31.53
CA ARG A 416 9.14 12.04 30.63
C ARG A 416 9.57 10.60 30.90
N PRO A 417 9.52 9.71 29.91
CA PRO A 417 10.03 8.35 30.13
C PRO A 417 11.50 8.37 30.50
N HIS A 418 11.93 7.34 31.24
CA HIS A 418 13.31 7.29 31.70
C HIS A 418 14.27 7.12 30.53
N LEU A 419 13.88 6.39 29.50
CA LEU A 419 14.74 6.17 28.34
C LEU A 419 14.72 7.33 27.35
N ALA A 420 13.99 8.41 27.65
CA ALA A 420 13.85 9.54 26.73
C ALA A 420 14.65 10.72 27.27
N SER A 421 15.57 11.22 26.45
CA SER A 421 16.32 12.42 26.81
C SER A 421 15.39 13.63 26.83
N GLU A 422 15.91 14.75 27.37
CA GLU A 422 15.12 15.96 27.43
C GLU A 422 14.76 16.45 26.03
N ARG A 423 15.68 16.30 25.07
CA ARG A 423 15.40 16.73 23.71
C ARG A 423 14.30 15.88 23.07
N VAL A 424 14.34 14.56 23.29
CA VAL A 424 13.31 13.70 22.74
C VAL A 424 11.96 13.98 23.39
N TYR A 425 11.96 14.21 24.70
CA TYR A 425 10.71 14.54 25.39
C TYR A 425 10.15 15.86 24.88
N THR A 426 11.01 16.80 24.50
CA THR A 426 10.54 18.07 23.97
C THR A 426 9.73 17.86 22.68
N ILE A 427 10.06 16.82 21.92
CA ILE A 427 9.33 16.57 20.68
C ILE A 427 7.92 16.06 20.97
N MET A 428 7.82 15.02 21.79
CA MET A 428 6.50 14.48 22.13
C MET A 428 5.68 15.47 22.95
N TYR A 429 6.35 16.25 23.80
CA TYR A 429 5.63 17.24 24.60
C TYR A 429 5.03 18.34 23.72
N SER A 430 5.73 18.71 22.64
CA SER A 430 5.21 19.73 21.74
C SER A 430 3.91 19.29 21.08
N CYS A 431 3.64 17.99 21.03
CA CYS A 431 2.42 17.47 20.44
C CYS A 431 1.21 17.58 21.36
N TRP A 432 1.38 18.09 22.58
CA TRP A 432 0.32 18.11 23.58
C TRP A 432 -0.04 19.53 23.99
N HIS A 433 0.11 20.49 23.09
CA HIS A 433 -0.27 21.86 23.40
CA HIS A 433 -0.28 21.87 23.39
C HIS A 433 -1.79 21.99 23.48
N GLU A 434 -2.25 22.99 24.24
CA GLU A 434 -3.69 23.19 24.40
CA GLU A 434 -3.68 23.20 24.41
C GLU A 434 -4.33 23.58 23.07
N LYS A 435 -3.79 24.61 22.43
CA LYS A 435 -4.33 25.06 21.15
C LYS A 435 -3.79 24.17 20.03
N ALA A 436 -4.71 23.56 19.27
CA ALA A 436 -4.30 22.66 18.20
C ALA A 436 -3.41 23.37 17.19
N ASP A 437 -3.69 24.65 16.91
CA ASP A 437 -2.87 25.39 15.96
C ASP A 437 -1.43 25.56 16.42
N GLU A 438 -1.18 25.41 17.72
CA GLU A 438 0.18 25.55 18.25
C GLU A 438 0.99 24.26 18.16
N ARG A 439 0.36 23.14 17.80
CA ARG A 439 1.08 21.88 17.70
C ARG A 439 1.81 21.81 16.36
N PRO A 440 2.95 21.11 16.31
CA PRO A 440 3.71 21.02 15.06
C PRO A 440 3.03 20.07 14.09
N SER A 441 3.52 20.12 12.84
CA SER A 441 3.06 19.21 11.80
C SER A 441 3.99 18.00 11.71
N PHE A 442 3.51 16.97 11.03
CA PHE A 442 4.32 15.77 10.85
C PHE A 442 5.59 16.07 10.05
N LYS A 443 5.55 17.10 9.21
CA LYS A 443 6.75 17.51 8.49
C LYS A 443 7.78 18.12 9.43
N ILE A 444 7.30 18.88 10.43
CA ILE A 444 8.21 19.47 11.40
C ILE A 444 8.69 18.43 12.40
N LEU A 445 7.81 17.54 12.84
CA LEU A 445 8.21 16.48 13.77
C LEU A 445 9.30 15.61 13.16
N LEU A 446 9.18 15.28 11.88
CA LEU A 446 10.21 14.48 11.22
C LEU A 446 11.54 15.24 11.20
N SER A 447 11.49 16.54 10.95
CA SER A 447 12.72 17.34 10.98
C SER A 447 13.33 17.35 12.37
N ASN A 448 12.48 17.41 13.40
CA ASN A 448 12.98 17.37 14.78
C ASN A 448 13.61 16.02 15.10
N ILE A 449 12.97 14.93 14.67
CA ILE A 449 13.51 13.60 14.92
C ILE A 449 14.81 13.41 14.15
N LEU A 450 14.83 13.79 12.88
CA LEU A 450 16.04 13.68 12.08
C LEU A 450 17.17 14.53 12.66
N ASP A 451 16.83 15.65 13.28
CA ASP A 451 17.85 16.49 13.90
C ASP A 451 18.47 15.78 15.11
N VAL A 452 17.63 15.22 15.99
CA VAL A 452 18.15 14.50 17.15
C VAL A 452 19.00 13.32 16.70
N MET A 453 18.55 12.60 15.67
CA MET A 453 19.33 11.48 15.15
C MET A 453 20.71 11.93 14.70
N ASP A 454 20.81 13.15 14.16
CA ASP A 454 22.09 13.65 13.65
C ASP A 454 22.99 14.15 14.76
N GLU A 455 22.44 14.51 15.92
CA GLU A 455 23.22 15.03 17.04
C GLU A 455 23.38 13.98 18.14
N GLU A 456 22.28 13.47 18.68
CA GLU A 456 22.32 12.43 19.70
C GLU A 456 22.70 11.10 19.07
N SER A 457 23.67 11.12 18.15
CA SER A 457 24.12 9.92 17.45
C SER A 457 25.18 10.26 16.42
#